data_1B2W
#
_entry.id   1B2W
#
_cell.length_a   69.100
_cell.length_b   74.600
_cell.length_c   104.300
_cell.angle_alpha   90.00
_cell.angle_beta   90.00
_cell.angle_gamma   90.00
#
_symmetry.space_group_name_H-M   'P 21 21 21'
#
loop_
_entity.id
_entity.type
_entity.pdbx_description
1 polymer 'PROTEIN (ANTIBODY (LIGHT CHAIN))'
2 polymer 'PROTEIN (ANTIBODY (HEAVY CHAIN))'
#
loop_
_entity_poly.entity_id
_entity_poly.type
_entity_poly.pdbx_seq_one_letter_code
_entity_poly.pdbx_strand_id
1 'polypeptide(L)'
;DIQMTQSPSTLSASVGDRVTITCKASENVDTYVSWYQQKPGKAPKLLIYGASNRYTGVPSRFSGSGSGTDFTLTISSLQP
DDFATYYCGQSYNYPFTFGQGTKVEVKRTVAAPSVFIFPPSDEQLKSGTASVVCLLNNFYPREAKVQWKVDNALQSGNSQ
ESVTEQDSKDSTYSLSSTLTLSKADYEKHKVYACEVTHQGLSSPVTKSFNRGEC
;
L
2 'polypeptide(L)'
;(PCA)VQLVQSGGGVVQPGRSLKLSCLASGYIFTSSWINWVKQRPGRGLEWIGRIDPSDGEVHYNQDFKDRFTISRDKSK
NTLYLQMNSLRPEDTAVYYCARGFLPWFADWGQGTLVTVSSASTKGPSVFPLAPSSKSTSGGTAALGCLVKDYFPEPVTV
SWNSGALTSGVHTFPAVLQSSGLYSLSSVVTVPSSSLGTQTYICNVNHKPSNTKVDKKVEPKSC
;
H
#
# COMPACT_ATOMS: atom_id res chain seq x y z
N ASP A 1 7.66 -22.47 -10.80
CA ASP A 1 7.96 -23.92 -10.71
C ASP A 1 7.33 -24.46 -9.42
N ILE A 2 8.01 -24.19 -8.30
CA ILE A 2 7.57 -24.63 -6.98
C ILE A 2 6.63 -23.59 -6.35
N GLN A 3 5.40 -23.50 -6.84
CA GLN A 3 4.41 -22.55 -6.35
C GLN A 3 4.18 -22.73 -4.86
N MET A 4 4.40 -21.66 -4.08
CA MET A 4 4.18 -21.67 -2.62
C MET A 4 2.91 -20.86 -2.33
N THR A 5 2.10 -21.33 -1.37
CA THR A 5 0.85 -20.67 -1.06
C THR A 5 0.46 -20.58 0.42
N GLN A 6 -0.01 -19.40 0.82
CA GLN A 6 -0.41 -19.13 2.20
C GLN A 6 -1.91 -19.01 2.45
N SER A 7 -2.28 -19.09 3.73
CA SER A 7 -3.67 -19.01 4.13
C SER A 7 -3.79 -19.04 5.65
N PRO A 8 -4.73 -18.28 6.22
CA PRO A 8 -5.68 -17.40 5.53
C PRO A 8 -5.01 -16.16 4.95
N SER A 9 -5.66 -15.48 4.01
CA SER A 9 -5.07 -14.29 3.39
C SER A 9 -4.97 -13.17 4.40
N THR A 10 -6.08 -12.95 5.11
CA THR A 10 -6.21 -11.94 6.17
C THR A 10 -6.53 -12.66 7.47
N LEU A 11 -6.28 -12.04 8.61
CA LEU A 11 -6.54 -12.71 9.87
C LEU A 11 -6.91 -11.78 11.02
N SER A 12 -8.19 -11.80 11.40
CA SER A 12 -8.64 -10.95 12.50
C SER A 12 -8.09 -11.58 13.77
N ALA A 13 -7.43 -10.79 14.60
CA ALA A 13 -6.88 -11.30 15.85
C ALA A 13 -6.57 -10.20 16.85
N SER A 14 -6.58 -10.53 18.14
CA SER A 14 -6.28 -9.52 19.16
C SER A 14 -5.22 -9.99 20.16
N VAL A 15 -4.55 -9.01 20.77
CA VAL A 15 -3.51 -9.26 21.76
C VAL A 15 -3.97 -10.34 22.72
N GLY A 16 -3.19 -11.42 22.80
CA GLY A 16 -3.51 -12.53 23.67
C GLY A 16 -3.92 -13.79 22.93
N ASP A 17 -4.13 -13.69 21.62
CA ASP A 17 -4.54 -14.83 20.83
C ASP A 17 -3.41 -15.71 20.33
N ARG A 18 -3.81 -16.91 19.91
CA ARG A 18 -2.95 -17.93 19.36
C ARG A 18 -3.23 -17.93 17.85
N VAL A 19 -2.39 -17.22 17.11
CA VAL A 19 -2.54 -17.11 15.68
C VAL A 19 -1.83 -18.24 14.99
N THR A 20 -2.29 -18.60 13.80
CA THR A 20 -1.69 -19.67 13.02
C THR A 20 -1.85 -19.52 11.50
N ILE A 21 -0.75 -19.23 10.81
CA ILE A 21 -0.74 -19.08 9.36
C ILE A 21 -0.34 -20.43 8.76
N THR A 22 -0.99 -20.81 7.66
CA THR A 22 -0.74 -22.09 7.00
C THR A 22 -0.15 -21.97 5.61
N CYS A 23 1.09 -22.39 5.47
CA CYS A 23 1.79 -22.38 4.19
C CYS A 23 1.63 -23.74 3.52
N LYS A 24 1.72 -23.77 2.19
CA LYS A 24 1.56 -24.99 1.42
C LYS A 24 2.49 -25.03 0.22
N ALA A 25 3.17 -26.16 0.05
CA ALA A 25 4.09 -26.34 -1.07
C ALA A 25 3.49 -27.28 -2.12
N SER A 26 3.40 -26.82 -3.36
CA SER A 26 2.85 -27.64 -4.45
C SER A 26 3.81 -28.79 -4.71
N GLU A 27 5.06 -28.62 -4.27
CA GLU A 27 6.10 -29.62 -4.41
C GLU A 27 6.57 -30.09 -3.04
N ASN A 28 7.59 -30.93 -3.04
CA ASN A 28 8.16 -31.44 -1.82
C ASN A 28 9.52 -30.81 -1.60
N VAL A 29 9.70 -30.18 -0.46
CA VAL A 29 10.97 -29.60 -0.06
C VAL A 29 11.25 -30.50 1.14
N ASP A 30 12.02 -30.08 2.11
CA ASP A 30 12.18 -30.97 3.25
C ASP A 30 11.70 -30.12 4.41
N THR A 31 12.60 -29.21 4.74
CA THR A 31 12.45 -28.26 5.81
C THR A 31 13.03 -26.93 5.29
N TYR A 32 12.83 -26.68 4.00
CA TYR A 32 13.34 -25.44 3.42
C TYR A 32 12.21 -24.44 3.19
N VAL A 33 11.58 -24.02 4.29
CA VAL A 33 10.51 -23.06 4.24
C VAL A 33 10.79 -22.13 5.38
N SER A 34 10.83 -20.84 5.08
CA SER A 34 11.09 -19.86 6.10
C SER A 34 9.92 -18.91 6.24
N TRP A 35 9.85 -18.24 7.39
CA TRP A 35 8.77 -17.30 7.65
C TRP A 35 9.37 -15.92 7.86
N TYR A 36 8.72 -14.91 7.26
CA TYR A 36 9.17 -13.52 7.35
C TYR A 36 8.09 -12.59 7.89
N GLN A 37 8.52 -11.51 8.51
CA GLN A 37 7.58 -10.55 9.05
C GLN A 37 7.91 -9.11 8.64
N GLN A 38 7.26 -8.63 7.59
CA GLN A 38 7.49 -7.25 7.19
C GLN A 38 6.24 -6.44 7.55
N LYS A 39 6.47 -5.26 8.12
CA LYS A 39 5.38 -4.36 8.49
C LYS A 39 5.24 -3.34 7.37
N PRO A 40 4.16 -2.52 7.39
CA PRO A 40 3.99 -1.52 6.32
C PRO A 40 5.21 -0.59 6.19
N GLY A 41 5.68 -0.44 4.95
CA GLY A 41 6.83 0.41 4.69
C GLY A 41 8.02 -0.07 5.50
N LYS A 42 8.44 -1.30 5.21
CA LYS A 42 9.57 -1.95 5.91
C LYS A 42 9.95 -3.25 5.22
N ALA A 43 11.23 -3.59 5.34
CA ALA A 43 11.78 -4.80 4.73
C ALA A 43 11.50 -6.03 5.60
N PRO A 44 11.21 -7.19 4.98
CA PRO A 44 10.92 -8.40 5.75
C PRO A 44 12.10 -8.87 6.59
N LYS A 45 11.81 -9.42 7.75
CA LYS A 45 12.85 -9.95 8.63
C LYS A 45 12.58 -11.43 8.82
N LEU A 46 13.63 -12.22 8.94
CA LEU A 46 13.51 -13.67 9.12
C LEU A 46 13.04 -13.99 10.54
N LEU A 47 12.14 -14.96 10.67
CA LEU A 47 11.67 -15.37 11.98
C LEU A 47 12.18 -16.80 12.21
N ILE A 48 11.74 -17.70 11.33
CA ILE A 48 12.10 -19.11 11.37
C ILE A 48 12.79 -19.53 10.07
N TYR A 49 14.02 -20.03 10.17
CA TYR A 49 14.75 -20.56 9.00
C TYR A 49 14.76 -22.07 9.27
N GLY A 50 15.40 -22.87 8.42
CA GLY A 50 15.33 -24.31 8.61
C GLY A 50 13.82 -24.48 8.47
N ALA A 51 13.15 -25.29 9.29
CA ALA A 51 11.69 -25.33 9.16
C ALA A 51 11.04 -24.96 10.47
N SER A 52 11.79 -25.19 11.54
CA SER A 52 11.37 -24.96 12.92
C SER A 52 12.40 -24.09 13.64
N ASN A 53 13.57 -23.92 13.02
CA ASN A 53 14.66 -23.15 13.59
C ASN A 53 14.40 -21.67 13.63
N ARG A 54 14.20 -21.16 14.83
CA ARG A 54 13.93 -19.75 15.10
C ARG A 54 15.21 -18.91 14.84
N TYR A 55 15.10 -17.69 14.29
CA TYR A 55 16.29 -16.86 14.07
C TYR A 55 16.61 -15.99 15.29
N THR A 56 17.81 -15.43 15.32
CA THR A 56 18.25 -14.59 16.43
C THR A 56 17.27 -13.50 16.82
N GLY A 57 17.03 -13.39 18.12
CA GLY A 57 16.14 -12.36 18.63
C GLY A 57 14.65 -12.61 18.45
N VAL A 58 14.27 -13.42 17.47
CA VAL A 58 12.88 -13.74 17.25
C VAL A 58 12.34 -14.29 18.56
N PRO A 59 11.43 -13.57 19.22
CA PRO A 59 10.83 -13.98 20.50
C PRO A 59 10.31 -15.42 20.53
N SER A 60 10.30 -16.00 21.72
CA SER A 60 9.82 -17.36 21.85
C SER A 60 8.33 -17.57 21.64
N ARG A 61 7.66 -16.61 21.03
CA ARG A 61 6.25 -16.81 20.76
C ARG A 61 6.13 -17.41 19.39
N PHE A 62 6.97 -16.96 18.45
CA PHE A 62 6.96 -17.49 17.09
C PHE A 62 7.52 -18.92 17.06
N SER A 63 6.72 -19.85 16.55
CA SER A 63 7.10 -21.25 16.45
C SER A 63 6.78 -21.91 15.09
N GLY A 64 7.74 -22.63 14.53
CA GLY A 64 7.53 -23.27 13.24
C GLY A 64 7.43 -24.77 13.33
N SER A 65 6.62 -25.37 12.44
CA SER A 65 6.40 -26.82 12.39
C SER A 65 6.01 -27.23 10.99
N GLY A 66 5.75 -28.50 10.80
CA GLY A 66 5.39 -28.97 9.48
C GLY A 66 6.63 -29.30 8.71
N SER A 67 6.48 -30.11 7.67
CA SER A 67 7.58 -30.52 6.80
C SER A 67 6.94 -31.08 5.53
N GLY A 68 7.72 -31.13 4.45
CA GLY A 68 7.20 -31.64 3.17
C GLY A 68 6.40 -30.71 2.27
N THR A 69 5.10 -30.56 2.53
CA THR A 69 4.23 -29.68 1.74
C THR A 69 3.31 -28.84 2.61
N ASP A 70 3.18 -29.21 3.89
CA ASP A 70 2.32 -28.48 4.81
C ASP A 70 3.10 -27.90 5.96
N PHE A 71 3.17 -26.57 5.99
CA PHE A 71 3.90 -25.87 7.02
C PHE A 71 2.95 -24.95 7.76
N THR A 72 3.38 -24.46 8.91
CA THR A 72 2.56 -23.60 9.73
C THR A 72 3.36 -22.76 10.72
N LEU A 73 3.13 -21.45 10.71
CA LEU A 73 3.76 -20.60 11.68
C LEU A 73 2.70 -20.43 12.77
N THR A 74 3.16 -20.38 14.01
CA THR A 74 2.27 -20.24 15.13
C THR A 74 2.79 -19.17 16.07
N ILE A 75 1.87 -18.36 16.56
CA ILE A 75 2.20 -17.33 17.52
C ILE A 75 1.39 -17.84 18.69
N SER A 76 2.07 -18.10 19.82
CA SER A 76 1.42 -18.65 21.01
C SER A 76 0.60 -17.66 21.82
N SER A 77 0.93 -16.38 21.64
CA SER A 77 0.21 -15.30 22.30
C SER A 77 0.50 -14.07 21.47
N LEU A 78 -0.57 -13.44 20.98
CA LEU A 78 -0.42 -12.24 20.19
C LEU A 78 -0.04 -11.04 21.09
N GLN A 79 0.79 -10.18 20.52
CA GLN A 79 1.31 -8.97 21.15
C GLN A 79 1.08 -7.81 20.18
N PRO A 80 1.33 -6.55 20.60
CA PRO A 80 1.14 -5.40 19.73
C PRO A 80 2.01 -5.51 18.46
N ASP A 81 3.27 -5.90 18.64
CA ASP A 81 4.23 -6.09 17.56
C ASP A 81 3.69 -7.02 16.47
N ASP A 82 3.31 -8.22 16.87
CA ASP A 82 2.82 -9.27 16.00
C ASP A 82 1.78 -8.95 14.94
N PHE A 83 1.26 -7.73 14.93
CA PHE A 83 0.30 -7.36 13.90
C PHE A 83 1.09 -6.88 12.68
N ALA A 84 1.24 -7.75 11.68
CA ALA A 84 1.97 -7.43 10.46
C ALA A 84 1.62 -8.41 9.35
N THR A 85 2.45 -8.49 8.33
CA THR A 85 2.21 -9.38 7.20
C THR A 85 3.26 -10.49 7.15
N TYR A 86 2.79 -11.73 7.17
CA TYR A 86 3.68 -12.87 7.16
C TYR A 86 3.75 -13.63 5.85
N TYR A 87 4.96 -14.04 5.50
CA TYR A 87 5.23 -14.80 4.28
C TYR A 87 6.01 -16.10 4.59
N CYS A 88 5.93 -17.02 3.65
CA CYS A 88 6.69 -18.27 3.72
C CYS A 88 7.43 -18.32 2.39
N GLY A 89 8.44 -19.18 2.30
CA GLY A 89 9.16 -19.25 1.05
C GLY A 89 10.19 -20.34 1.00
N GLN A 90 9.90 -21.32 0.16
CA GLN A 90 10.77 -22.46 -0.10
C GLN A 90 12.14 -22.02 -0.68
N SER A 91 13.20 -22.70 -0.23
CA SER A 91 14.57 -22.43 -0.68
C SER A 91 15.25 -23.77 -0.95
N TYR A 92 14.44 -24.70 -1.43
CA TYR A 92 14.86 -26.05 -1.76
C TYR A 92 15.22 -26.20 -3.24
N ASN A 93 14.27 -25.90 -4.12
CA ASN A 93 14.45 -25.99 -5.56
C ASN A 93 14.58 -24.62 -6.23
N TYR A 94 15.31 -24.57 -7.33
CA TYR A 94 15.45 -23.32 -8.09
C TYR A 94 14.23 -23.18 -9.01
N PRO A 95 13.65 -21.98 -9.04
CA PRO A 95 14.10 -20.84 -8.25
C PRO A 95 13.37 -20.79 -6.92
N PHE A 96 13.78 -19.84 -6.09
CA PHE A 96 13.19 -19.66 -4.78
C PHE A 96 11.91 -18.83 -4.92
N THR A 97 10.82 -19.40 -4.40
CA THR A 97 9.51 -18.78 -4.45
C THR A 97 9.01 -18.44 -3.04
N PHE A 98 8.14 -17.43 -2.93
CA PHE A 98 7.60 -17.04 -1.62
C PHE A 98 6.09 -17.14 -1.62
N GLY A 99 5.51 -17.22 -0.42
CA GLY A 99 4.07 -17.30 -0.27
C GLY A 99 3.37 -15.98 -0.54
N GLN A 100 2.11 -16.04 -0.93
CA GLN A 100 1.31 -14.85 -1.21
C GLN A 100 1.31 -13.82 -0.08
N GLY A 101 1.34 -14.29 1.17
CA GLY A 101 1.35 -13.40 2.34
C GLY A 101 0.05 -13.39 3.10
N THR A 102 0.14 -13.45 4.43
CA THR A 102 -1.04 -13.44 5.33
C THR A 102 -0.96 -12.23 6.26
N LYS A 103 -1.98 -11.37 6.23
CA LYS A 103 -1.97 -10.19 7.11
C LYS A 103 -2.77 -10.41 8.38
N VAL A 104 -2.16 -10.05 9.51
CA VAL A 104 -2.81 -10.18 10.80
C VAL A 104 -3.38 -8.81 11.18
N GLU A 105 -4.64 -8.76 11.56
CA GLU A 105 -5.24 -7.48 11.93
C GLU A 105 -5.93 -7.50 13.28
N VAL A 106 -5.83 -6.37 13.98
CA VAL A 106 -6.45 -6.20 15.29
C VAL A 106 -7.96 -6.34 15.18
N LYS A 107 -8.48 -7.31 15.90
CA LYS A 107 -9.89 -7.58 15.88
C LYS A 107 -10.65 -6.69 16.85
N ARG A 108 -11.84 -6.28 16.42
CA ARG A 108 -12.72 -5.45 17.21
C ARG A 108 -14.16 -5.76 16.79
N THR A 109 -15.11 -4.99 17.31
CA THR A 109 -16.52 -5.21 16.98
C THR A 109 -16.90 -4.67 15.61
N VAL A 110 -18.04 -5.15 15.10
CA VAL A 110 -18.53 -4.70 13.81
C VAL A 110 -19.03 -3.27 13.95
N ALA A 111 -18.60 -2.44 13.01
CA ALA A 111 -18.98 -1.04 12.97
C ALA A 111 -19.31 -0.71 11.52
N ALA A 112 -20.47 -0.14 11.29
CA ALA A 112 -20.88 0.24 9.96
C ALA A 112 -20.28 1.60 9.62
N PRO A 113 -20.12 1.89 8.32
CA PRO A 113 -19.56 3.12 7.80
C PRO A 113 -20.51 4.30 7.83
N SER A 114 -19.94 5.51 7.96
CA SER A 114 -20.68 6.77 7.97
C SER A 114 -20.43 7.37 6.60
N VAL A 115 -21.42 7.31 5.71
CA VAL A 115 -21.21 7.80 4.35
C VAL A 115 -21.36 9.29 4.14
N PHE A 116 -20.53 9.84 3.25
CA PHE A 116 -20.53 11.25 2.92
C PHE A 116 -20.22 11.35 1.43
N ILE A 117 -21.15 11.87 0.63
CA ILE A 117 -20.97 12.00 -0.82
C ILE A 117 -20.69 13.43 -1.32
N PHE A 118 -19.42 13.74 -1.59
CA PHE A 118 -19.04 15.09 -2.03
C PHE A 118 -19.22 15.41 -3.52
N PRO A 119 -19.97 16.48 -3.84
CA PRO A 119 -20.18 16.86 -5.23
C PRO A 119 -19.02 17.76 -5.66
N PRO A 120 -18.68 17.75 -6.96
CA PRO A 120 -17.60 18.55 -7.55
C PRO A 120 -17.59 20.02 -7.24
N SER A 121 -16.40 20.52 -6.90
CA SER A 121 -16.18 21.92 -6.60
C SER A 121 -16.25 22.69 -7.91
N ASP A 122 -16.85 23.86 -7.87
CA ASP A 122 -17.03 24.68 -9.06
C ASP A 122 -15.73 25.03 -9.79
N GLU A 123 -14.59 24.94 -9.09
CA GLU A 123 -13.28 25.25 -9.70
C GLU A 123 -12.65 24.11 -10.50
N GLN A 124 -12.95 22.88 -10.10
CA GLN A 124 -12.45 21.71 -10.82
C GLN A 124 -13.28 21.59 -12.11
N LEU A 125 -14.49 22.11 -12.05
CA LEU A 125 -15.40 22.10 -13.19
C LEU A 125 -14.87 22.98 -14.31
N LYS A 126 -14.06 23.97 -13.93
CA LYS A 126 -13.42 24.87 -14.90
C LYS A 126 -12.37 24.01 -15.61
N SER A 127 -11.66 23.20 -14.81
CA SER A 127 -10.61 22.27 -15.24
C SER A 127 -11.06 21.25 -16.30
N GLY A 128 -12.37 21.15 -16.51
CA GLY A 128 -12.87 20.21 -17.50
C GLY A 128 -13.29 18.91 -16.86
N THR A 129 -12.65 18.57 -15.75
CA THR A 129 -12.95 17.34 -15.04
C THR A 129 -13.85 17.60 -13.84
N ALA A 130 -14.55 16.56 -13.39
CA ALA A 130 -15.44 16.65 -12.25
C ALA A 130 -15.38 15.34 -11.45
N SER A 131 -14.75 15.40 -10.27
CA SER A 131 -14.60 14.24 -9.38
C SER A 131 -15.63 14.20 -8.26
N VAL A 132 -16.53 13.22 -8.31
CA VAL A 132 -17.54 13.05 -7.28
C VAL A 132 -17.01 12.03 -6.25
N VAL A 133 -16.74 12.50 -5.03
CA VAL A 133 -16.19 11.69 -3.93
C VAL A 133 -17.19 11.09 -2.95
N CYS A 134 -16.97 9.82 -2.61
CA CYS A 134 -17.82 9.11 -1.65
C CYS A 134 -16.93 8.57 -0.55
N LEU A 135 -17.18 9.06 0.67
CA LEU A 135 -16.41 8.65 1.84
C LEU A 135 -17.13 7.69 2.81
N LEU A 136 -16.69 6.44 2.87
CA LEU A 136 -17.26 5.47 3.82
C LEU A 136 -16.41 5.76 5.03
N ASN A 137 -17.00 5.86 6.21
CA ASN A 137 -16.19 6.22 7.34
C ASN A 137 -16.18 5.36 8.59
N ASN A 138 -14.97 5.11 9.10
CA ASN A 138 -14.73 4.33 10.33
C ASN A 138 -15.55 3.06 10.44
N PHE A 139 -15.36 2.16 9.49
CA PHE A 139 -16.07 0.91 9.48
C PHE A 139 -15.16 -0.25 9.81
N TYR A 140 -15.75 -1.40 10.08
CA TYR A 140 -14.99 -2.60 10.40
C TYR A 140 -15.92 -3.81 10.32
N PRO A 141 -15.51 -4.88 9.60
CA PRO A 141 -14.25 -5.06 8.86
C PRO A 141 -14.14 -4.31 7.54
N ARG A 142 -13.01 -4.56 6.87
CA ARG A 142 -12.67 -3.96 5.57
C ARG A 142 -13.78 -4.18 4.54
N GLU A 143 -14.12 -5.44 4.33
CA GLU A 143 -15.14 -5.86 3.38
C GLU A 143 -16.37 -4.97 3.33
N ALA A 144 -16.34 -4.04 2.36
CA ALA A 144 -17.41 -3.08 2.08
C ALA A 144 -17.42 -2.83 0.58
N LYS A 145 -18.61 -2.53 0.05
CA LYS A 145 -18.77 -2.24 -1.36
C LYS A 145 -19.34 -0.86 -1.64
N VAL A 146 -18.98 -0.31 -2.80
CA VAL A 146 -19.46 1.00 -3.20
C VAL A 146 -20.02 0.88 -4.59
N GLN A 147 -21.22 1.41 -4.81
CA GLN A 147 -21.82 1.33 -6.12
C GLN A 147 -22.28 2.71 -6.54
N TRP A 148 -21.69 3.21 -7.61
CA TRP A 148 -22.05 4.51 -8.11
C TRP A 148 -23.21 4.33 -9.07
N LYS A 149 -24.20 5.22 -8.99
CA LYS A 149 -25.36 5.16 -9.86
C LYS A 149 -25.72 6.56 -10.35
N VAL A 150 -25.36 6.83 -11.60
CA VAL A 150 -25.66 8.12 -12.20
C VAL A 150 -26.97 8.01 -13.00
N ASP A 151 -27.98 8.76 -12.56
CA ASP A 151 -29.30 8.74 -13.19
C ASP A 151 -29.83 7.32 -13.13
N ASN A 152 -29.75 6.74 -11.93
CA ASN A 152 -30.20 5.38 -11.66
C ASN A 152 -29.61 4.32 -12.59
N ALA A 153 -28.52 4.68 -13.29
CA ALA A 153 -27.81 3.79 -14.18
C ALA A 153 -26.55 3.35 -13.44
N LEU A 154 -26.54 2.10 -12.98
CA LEU A 154 -25.39 1.57 -12.27
C LEU A 154 -24.15 1.67 -13.13
N GLN A 155 -23.20 2.45 -12.64
CA GLN A 155 -21.95 2.69 -13.33
C GLN A 155 -20.96 1.56 -13.11
N SER A 156 -20.05 1.40 -14.06
CA SER A 156 -19.02 0.37 -13.97
C SER A 156 -17.76 0.70 -14.77
N GLY A 157 -16.63 0.62 -14.08
CA GLY A 157 -15.34 0.89 -14.70
C GLY A 157 -14.98 2.36 -14.78
N ASN A 158 -15.73 3.21 -14.09
CA ASN A 158 -15.51 4.65 -14.11
C ASN A 158 -15.19 5.26 -12.76
N SER A 159 -14.58 4.48 -11.87
CA SER A 159 -14.23 4.97 -10.54
C SER A 159 -13.02 4.28 -9.93
N GLN A 160 -12.49 4.89 -8.87
CA GLN A 160 -11.31 4.38 -8.14
C GLN A 160 -11.48 4.53 -6.63
N GLU A 161 -10.81 3.67 -5.87
CA GLU A 161 -10.89 3.77 -4.43
C GLU A 161 -9.60 3.40 -3.73
N SER A 162 -9.39 4.04 -2.59
CA SER A 162 -8.21 3.80 -1.76
C SER A 162 -8.66 3.55 -0.32
N VAL A 163 -8.19 2.45 0.25
CA VAL A 163 -8.56 2.13 1.61
C VAL A 163 -7.43 2.51 2.57
N THR A 164 -7.83 2.85 3.78
CA THR A 164 -6.88 3.23 4.80
C THR A 164 -6.51 1.96 5.58
N GLU A 165 -5.37 2.02 6.27
CA GLU A 165 -4.88 0.90 7.06
C GLU A 165 -5.43 1.00 8.48
N GLN A 166 -5.50 -0.15 9.14
CA GLN A 166 -5.99 -0.27 10.49
C GLN A 166 -5.70 0.98 11.32
N ASP A 167 -6.73 1.50 11.97
CA ASP A 167 -6.57 2.68 12.81
C ASP A 167 -5.82 2.22 14.04
N SER A 168 -4.82 3.00 14.41
CA SER A 168 -3.99 2.70 15.57
C SER A 168 -4.83 2.71 16.85
N LYS A 169 -5.94 3.44 16.81
CA LYS A 169 -6.81 3.55 17.96
C LYS A 169 -8.17 2.87 17.79
N ASP A 170 -8.90 3.24 16.74
CA ASP A 170 -10.23 2.70 16.46
C ASP A 170 -10.23 1.27 15.96
N SER A 171 -9.16 0.92 15.22
CA SER A 171 -8.98 -0.40 14.60
C SER A 171 -10.00 -0.50 13.46
N THR A 172 -10.43 0.68 13.01
CA THR A 172 -11.42 0.82 11.97
C THR A 172 -10.87 1.41 10.68
N TYR A 173 -11.30 0.82 9.56
CA TYR A 173 -10.87 1.24 8.24
C TYR A 173 -11.72 2.40 7.69
N SER A 174 -11.15 3.14 6.75
CA SER A 174 -11.84 4.27 6.12
C SER A 174 -11.62 4.19 4.61
N LEU A 175 -12.70 4.25 3.85
CA LEU A 175 -12.62 4.13 2.39
C LEU A 175 -13.17 5.32 1.63
N SER A 176 -12.42 5.74 0.61
CA SER A 176 -12.81 6.83 -0.28
C SER A 176 -13.05 6.19 -1.64
N SER A 177 -13.96 6.77 -2.42
CA SER A 177 -14.24 6.24 -3.73
C SER A 177 -14.68 7.40 -4.60
N THR A 178 -13.88 7.68 -5.64
CA THR A 178 -14.19 8.79 -6.56
C THR A 178 -14.77 8.40 -7.92
N LEU A 179 -15.84 9.07 -8.31
CA LEU A 179 -16.46 8.83 -9.59
C LEU A 179 -15.89 9.97 -10.43
N THR A 180 -15.04 9.63 -11.40
CA THR A 180 -14.41 10.67 -12.21
C THR A 180 -14.93 10.71 -13.65
N LEU A 181 -15.22 11.93 -14.12
CA LEU A 181 -15.70 12.13 -15.47
C LEU A 181 -15.49 13.56 -15.91
N SER A 182 -15.65 13.83 -17.21
CA SER A 182 -15.49 15.20 -17.70
C SER A 182 -16.68 16.03 -17.21
N LYS A 183 -16.73 17.31 -17.57
CA LYS A 183 -17.84 18.14 -17.13
C LYS A 183 -19.03 18.08 -18.09
N ALA A 184 -18.74 17.81 -19.35
CA ALA A 184 -19.78 17.72 -20.38
C ALA A 184 -20.78 16.66 -20.00
N ASP A 185 -20.29 15.62 -19.32
CA ASP A 185 -21.13 14.53 -18.87
C ASP A 185 -21.65 14.77 -17.48
N TYR A 186 -20.88 15.50 -16.69
CA TYR A 186 -21.30 15.83 -15.35
C TYR A 186 -22.49 16.78 -15.53
N GLU A 187 -22.38 17.62 -16.56
CA GLU A 187 -23.42 18.59 -16.91
C GLU A 187 -24.54 17.90 -17.68
N LYS A 188 -24.32 16.64 -18.08
CA LYS A 188 -25.31 15.87 -18.83
C LYS A 188 -26.19 14.93 -18.00
N HIS A 189 -26.06 14.98 -16.66
CA HIS A 189 -26.86 14.13 -15.77
C HIS A 189 -27.30 14.93 -14.56
N LYS A 190 -28.22 14.40 -13.78
CA LYS A 190 -28.68 15.15 -12.63
C LYS A 190 -28.47 14.46 -11.30
N VAL A 191 -28.84 13.19 -11.22
CA VAL A 191 -28.73 12.47 -9.96
C VAL A 191 -27.50 11.59 -9.87
N TYR A 192 -26.68 11.81 -8.85
CA TYR A 192 -25.48 11.02 -8.61
C TYR A 192 -25.66 10.29 -7.27
N ALA A 193 -25.53 8.97 -7.28
CA ALA A 193 -25.75 8.21 -6.05
C ALA A 193 -24.72 7.17 -5.63
N CYS A 194 -24.32 7.24 -4.37
CA CYS A 194 -23.36 6.29 -3.81
C CYS A 194 -24.08 5.29 -2.90
N GLU A 195 -24.44 4.13 -3.44
CA GLU A 195 -25.10 3.10 -2.66
C GLU A 195 -24.00 2.31 -1.96
N VAL A 196 -23.99 2.34 -0.64
CA VAL A 196 -22.96 1.66 0.15
C VAL A 196 -23.42 0.45 0.97
N THR A 197 -22.76 -0.67 0.74
CA THR A 197 -23.03 -1.91 1.43
C THR A 197 -21.86 -2.27 2.32
N HIS A 198 -22.17 -2.74 3.52
CA HIS A 198 -21.18 -3.19 4.48
C HIS A 198 -21.97 -4.19 5.29
N GLN A 199 -21.31 -5.23 5.79
CA GLN A 199 -21.99 -6.24 6.58
C GLN A 199 -22.48 -5.72 7.94
N GLY A 200 -22.18 -4.47 8.26
CA GLY A 200 -22.63 -3.88 9.50
C GLY A 200 -23.85 -2.99 9.29
N LEU A 201 -24.33 -2.93 8.05
CA LEU A 201 -25.49 -2.12 7.68
C LEU A 201 -26.68 -3.04 7.45
N SER A 202 -27.82 -2.70 8.07
CA SER A 202 -29.08 -3.46 7.94
C SER A 202 -29.64 -3.45 6.52
N SER A 203 -29.39 -2.35 5.80
CA SER A 203 -29.82 -2.17 4.41
C SER A 203 -28.69 -1.37 3.75
N PRO A 204 -28.69 -1.24 2.41
CA PRO A 204 -27.61 -0.46 1.81
C PRO A 204 -27.84 1.02 2.07
N VAL A 205 -26.78 1.75 2.38
CA VAL A 205 -26.86 3.18 2.62
C VAL A 205 -26.68 3.91 1.30
N THR A 206 -27.67 4.70 0.92
CA THR A 206 -27.56 5.43 -0.32
C THR A 206 -27.42 6.92 -0.01
N LYS A 207 -26.47 7.56 -0.69
CA LYS A 207 -26.23 8.99 -0.54
C LYS A 207 -26.28 9.50 -1.95
N SER A 208 -26.91 10.64 -2.17
CA SER A 208 -27.01 11.18 -3.51
C SER A 208 -27.28 12.66 -3.50
N PHE A 209 -27.22 13.24 -4.69
CA PHE A 209 -27.49 14.65 -4.88
C PHE A 209 -28.07 14.88 -6.28
N ASN A 210 -28.24 16.13 -6.64
CA ASN A 210 -28.77 16.48 -7.94
C ASN A 210 -27.98 17.61 -8.55
N ARG A 211 -27.23 17.28 -9.60
CA ARG A 211 -26.41 18.25 -10.30
C ARG A 211 -27.31 19.45 -10.59
N GLY A 212 -27.21 20.49 -9.77
CA GLY A 212 -28.03 21.67 -10.00
C GLY A 212 -28.87 22.07 -8.81
N GLU A 213 -29.76 21.19 -8.38
CA GLU A 213 -30.61 21.48 -7.23
C GLU A 213 -29.75 21.60 -5.97
N CYS A 214 -30.32 22.14 -4.90
CA CYS A 214 -29.58 22.34 -3.66
C CYS A 214 -30.51 22.58 -2.44
N VAL B 2 20.88 -5.86 11.97
CA VAL B 2 21.06 -6.83 10.88
C VAL B 2 20.59 -6.32 9.51
N GLN B 3 21.36 -5.38 8.94
CA GLN B 3 21.07 -4.75 7.64
C GLN B 3 22.33 -4.61 6.75
N LEU B 4 22.10 -4.30 5.46
CA LEU B 4 23.17 -4.07 4.47
C LEU B 4 23.08 -2.59 4.03
N VAL B 5 23.53 -2.23 2.83
CA VAL B 5 23.46 -0.84 2.41
C VAL B 5 23.17 -0.68 0.93
N GLN B 6 21.91 -0.44 0.60
CA GLN B 6 21.50 -0.27 -0.80
C GLN B 6 21.47 1.22 -1.09
N SER B 7 21.61 1.60 -2.35
CA SER B 7 21.64 3.02 -2.68
C SER B 7 21.29 3.48 -4.09
N GLY B 8 20.87 2.57 -4.97
CA GLY B 8 20.53 2.98 -6.32
C GLY B 8 19.08 3.42 -6.61
N GLY B 9 18.73 3.42 -7.89
CA GLY B 9 17.39 3.75 -8.37
C GLY B 9 16.49 4.88 -7.87
N GLY B 10 15.53 5.23 -8.70
CA GLY B 10 14.56 6.29 -8.40
C GLY B 10 13.53 6.33 -9.50
N VAL B 11 13.16 7.53 -9.94
CA VAL B 11 12.18 7.66 -11.03
C VAL B 11 12.94 7.49 -12.33
N VAL B 12 12.45 6.58 -13.19
CA VAL B 12 13.12 6.30 -14.45
C VAL B 12 12.19 6.08 -15.63
N GLN B 13 12.43 6.86 -16.68
CA GLN B 13 11.65 6.82 -17.92
C GLN B 13 11.69 5.40 -18.47
N PRO B 14 10.54 4.88 -18.96
CA PRO B 14 10.52 3.51 -19.50
C PRO B 14 11.48 3.25 -20.66
N GLY B 15 11.75 1.97 -20.90
CA GLY B 15 12.65 1.57 -21.97
C GLY B 15 14.11 1.83 -21.67
N ARG B 16 14.34 2.84 -20.84
CA ARG B 16 15.68 3.26 -20.42
C ARG B 16 16.21 2.29 -19.36
N SER B 17 17.53 2.19 -19.28
CA SER B 17 18.15 1.27 -18.33
C SER B 17 18.45 1.96 -17.00
N LEU B 18 18.62 1.14 -15.97
CA LEU B 18 18.90 1.58 -14.61
C LEU B 18 19.86 0.61 -13.90
N LYS B 19 20.41 1.03 -12.75
CA LYS B 19 21.33 0.16 -12.01
C LYS B 19 21.41 0.46 -10.50
N LEU B 20 21.17 -0.57 -9.67
CA LEU B 20 21.22 -0.44 -8.21
C LEU B 20 22.52 -1.00 -7.58
N SER B 21 22.82 -0.54 -6.37
CA SER B 21 23.99 -0.99 -5.62
C SER B 21 23.62 -1.64 -4.29
N CYS B 22 24.52 -2.45 -3.75
CA CYS B 22 24.27 -3.14 -2.48
C CYS B 22 25.59 -3.34 -1.74
N LEU B 23 26.05 -2.26 -1.10
CA LEU B 23 27.31 -2.25 -0.35
C LEU B 23 27.35 -3.17 0.88
N ALA B 24 28.34 -4.07 0.90
CA ALA B 24 28.54 -5.03 1.99
C ALA B 24 29.99 -5.03 2.49
N SER B 25 30.17 -5.25 3.80
CA SER B 25 31.50 -5.27 4.43
C SER B 25 32.45 -6.39 3.94
N GLY B 26 33.75 -6.09 3.96
CA GLY B 26 34.80 -6.98 3.50
C GLY B 26 34.67 -8.48 3.76
N TYR B 27 34.17 -8.83 4.95
CA TYR B 27 33.99 -10.23 5.30
C TYR B 27 32.70 -10.75 4.70
N ILE B 28 31.61 -10.00 4.90
CA ILE B 28 30.28 -10.33 4.38
C ILE B 28 30.36 -10.58 2.89
N PHE B 29 31.13 -9.74 2.21
CA PHE B 29 31.33 -9.82 0.77
C PHE B 29 31.97 -11.16 0.35
N THR B 30 33.02 -11.57 1.06
CA THR B 30 33.69 -12.85 0.76
C THR B 30 33.36 -13.89 1.83
N SER B 31 32.06 -14.12 2.05
CA SER B 31 31.57 -15.07 3.06
C SER B 31 30.09 -15.50 2.90
N SER B 32 29.38 -14.92 1.94
CA SER B 32 27.98 -15.29 1.75
C SER B 32 27.41 -14.96 0.39
N TRP B 33 26.22 -15.49 0.18
CA TRP B 33 25.49 -15.34 -1.06
C TRP B 33 24.55 -14.12 -0.95
N ILE B 34 24.47 -13.32 -2.02
CA ILE B 34 23.59 -12.13 -2.03
C ILE B 34 22.43 -12.26 -3.02
N ASN B 35 21.23 -12.45 -2.47
CA ASN B 35 20.04 -12.58 -3.27
C ASN B 35 19.39 -11.22 -3.46
N TRP B 36 18.99 -10.93 -4.69
CA TRP B 36 18.28 -9.71 -4.96
C TRP B 36 16.82 -10.16 -5.04
N VAL B 37 16.01 -9.67 -4.10
CA VAL B 37 14.59 -10.02 -4.07
C VAL B 37 13.76 -8.82 -4.54
N LYS B 38 12.64 -9.10 -5.20
CA LYS B 38 11.76 -8.04 -5.72
C LYS B 38 10.38 -8.08 -5.13
N GLN B 39 9.75 -6.91 -5.05
CA GLN B 39 8.42 -6.83 -4.51
C GLN B 39 7.61 -5.65 -5.05
N ARG B 40 6.66 -5.96 -5.93
CA ARG B 40 5.79 -4.93 -6.49
C ARG B 40 4.73 -4.72 -5.42
N PRO B 41 4.56 -3.47 -4.95
CA PRO B 41 3.63 -3.02 -3.92
C PRO B 41 2.17 -3.50 -4.01
N GLY B 42 1.83 -4.44 -3.13
CA GLY B 42 0.49 -5.00 -3.11
C GLY B 42 0.55 -6.46 -3.51
N ARG B 43 1.76 -6.93 -3.77
CA ARG B 43 1.98 -8.32 -4.17
C ARG B 43 3.15 -8.92 -3.34
N GLY B 44 3.23 -10.25 -3.37
CA GLY B 44 4.28 -10.96 -2.65
C GLY B 44 5.71 -10.65 -3.04
N LEU B 45 6.57 -11.67 -2.97
CA LEU B 45 7.98 -11.51 -3.27
C LEU B 45 8.53 -12.36 -4.40
N GLU B 46 9.25 -11.72 -5.32
CA GLU B 46 9.86 -12.43 -6.44
C GLU B 46 11.38 -12.50 -6.29
N TRP B 47 11.91 -13.71 -6.32
CA TRP B 47 13.35 -13.91 -6.20
C TRP B 47 13.95 -13.64 -7.59
N ILE B 48 14.92 -12.72 -7.66
CA ILE B 48 15.54 -12.37 -8.94
C ILE B 48 16.84 -13.12 -9.23
N GLY B 49 17.59 -13.44 -8.18
CA GLY B 49 18.83 -14.16 -8.36
C GLY B 49 19.80 -14.21 -7.18
N ARG B 50 20.98 -14.78 -7.40
CA ARG B 50 22.02 -14.90 -6.38
C ARG B 50 23.43 -14.89 -6.96
N ILE B 51 24.41 -14.87 -6.07
CA ILE B 51 25.82 -14.80 -6.43
C ILE B 51 26.72 -15.38 -5.32
N ASP B 52 27.43 -16.45 -5.66
CA ASP B 52 28.32 -17.12 -4.72
C ASP B 52 29.46 -16.19 -4.30
N PRO B 53 29.81 -16.16 -2.99
CA PRO B 53 30.86 -15.33 -2.36
C PRO B 53 32.32 -15.52 -2.81
N SER B 54 32.65 -16.69 -3.36
CA SER B 54 34.01 -16.96 -3.82
C SER B 54 34.34 -16.35 -5.18
N ASP B 55 33.54 -16.74 -6.18
CA ASP B 55 33.72 -16.31 -7.55
C ASP B 55 32.66 -15.38 -8.05
N GLY B 56 31.46 -15.53 -7.54
CA GLY B 56 30.39 -14.67 -7.99
C GLY B 56 29.53 -15.34 -9.03
N GLU B 57 29.36 -16.64 -8.88
CA GLU B 57 28.52 -17.37 -9.81
C GLU B 57 27.11 -16.86 -9.61
N VAL B 58 26.51 -16.36 -10.69
CA VAL B 58 25.17 -15.84 -10.60
C VAL B 58 24.09 -16.85 -11.02
N HIS B 59 23.00 -16.87 -10.24
CA HIS B 59 21.85 -17.73 -10.49
C HIS B 59 20.65 -16.81 -10.59
N TYR B 60 20.08 -16.67 -11.78
CA TYR B 60 18.91 -15.79 -12.00
C TYR B 60 17.59 -16.54 -12.04
N ASN B 61 16.53 -15.79 -12.31
CA ASN B 61 15.20 -16.34 -12.50
C ASN B 61 15.03 -16.18 -14.03
N GLN B 62 14.66 -17.25 -14.72
CA GLN B 62 14.51 -17.21 -16.19
C GLN B 62 13.71 -16.05 -16.77
N ASP B 63 12.94 -15.37 -15.92
CA ASP B 63 12.14 -14.22 -16.32
C ASP B 63 13.11 -13.05 -16.43
N PHE B 64 13.70 -12.73 -15.29
CA PHE B 64 14.66 -11.65 -15.17
C PHE B 64 15.98 -12.04 -15.84
N LYS B 65 16.13 -13.34 -16.11
CA LYS B 65 17.32 -13.88 -16.79
C LYS B 65 17.58 -13.06 -18.03
N ASP B 66 16.50 -12.88 -18.79
CA ASP B 66 16.52 -12.14 -20.05
C ASP B 66 17.04 -10.70 -20.04
N ARG B 67 16.73 -9.90 -19.01
CA ARG B 67 17.20 -8.50 -19.01
C ARG B 67 17.75 -7.89 -17.75
N PHE B 68 18.10 -8.73 -16.77
CA PHE B 68 18.67 -8.27 -15.50
C PHE B 68 19.97 -9.03 -15.21
N THR B 69 21.05 -8.30 -15.00
CA THR B 69 22.34 -8.92 -14.72
C THR B 69 22.94 -8.53 -13.36
N ILE B 70 23.31 -9.56 -12.61
CA ILE B 70 23.89 -9.38 -11.28
C ILE B 70 25.42 -9.44 -11.35
N SER B 71 26.08 -8.43 -10.79
CA SER B 71 27.54 -8.39 -10.77
C SER B 71 27.99 -7.88 -9.40
N ARG B 72 29.28 -7.60 -9.26
CA ARG B 72 29.81 -7.13 -7.99
C ARG B 72 31.12 -6.35 -8.20
N ASP B 73 31.86 -6.15 -7.11
CA ASP B 73 33.15 -5.46 -7.17
C ASP B 73 33.92 -5.82 -5.93
N LYS B 74 35.07 -6.47 -6.11
CA LYS B 74 35.87 -6.84 -4.95
C LYS B 74 36.41 -5.58 -4.26
N SER B 75 37.06 -4.72 -5.05
CA SER B 75 37.65 -3.47 -4.53
C SER B 75 36.64 -2.61 -3.77
N LYS B 76 35.41 -2.55 -4.27
CA LYS B 76 34.40 -1.73 -3.61
C LYS B 76 33.50 -2.51 -2.63
N ASN B 77 33.50 -3.83 -2.76
CA ASN B 77 32.68 -4.71 -1.93
C ASN B 77 31.20 -4.37 -2.11
N THR B 78 30.78 -4.27 -3.37
CA THR B 78 29.40 -3.98 -3.70
C THR B 78 28.83 -4.85 -4.81
N LEU B 79 27.61 -5.33 -4.59
CA LEU B 79 26.91 -6.16 -5.55
C LEU B 79 26.21 -5.22 -6.50
N TYR B 80 25.64 -5.75 -7.58
CA TYR B 80 24.93 -4.93 -8.57
C TYR B 80 23.73 -5.57 -9.24
N LEU B 81 22.82 -4.72 -9.71
CA LEU B 81 21.65 -5.19 -10.44
C LEU B 81 21.39 -4.25 -11.61
N GLN B 82 21.79 -4.70 -12.78
CA GLN B 82 21.62 -3.98 -14.03
C GLN B 82 20.21 -4.27 -14.54
N MET B 83 19.42 -3.22 -14.69
CA MET B 83 18.06 -3.37 -15.16
C MET B 83 17.91 -2.62 -16.47
N ASN B 84 18.14 -3.33 -17.58
CA ASN B 84 18.06 -2.76 -18.94
C ASN B 84 16.68 -2.93 -19.54
N SER B 85 16.32 -2.01 -20.43
CA SER B 85 15.01 -2.05 -21.09
C SER B 85 13.93 -2.12 -20.02
N LEU B 86 13.68 -1.01 -19.35
CA LEU B 86 12.66 -0.96 -18.31
C LEU B 86 11.22 -0.86 -18.80
N ARG B 87 10.34 -1.55 -18.09
CA ARG B 87 8.90 -1.56 -18.36
C ARG B 87 8.26 -0.95 -17.12
N PRO B 88 6.98 -0.58 -17.17
CA PRO B 88 6.30 0.01 -15.99
C PRO B 88 6.10 -1.06 -14.93
N GLU B 89 6.02 -2.30 -15.38
CA GLU B 89 5.86 -3.44 -14.52
C GLU B 89 7.08 -3.60 -13.59
N ASP B 90 8.13 -2.82 -13.81
CA ASP B 90 9.34 -2.89 -12.98
C ASP B 90 9.29 -2.02 -11.75
N THR B 91 8.20 -1.26 -11.63
CA THR B 91 7.96 -0.40 -10.48
C THR B 91 7.79 -1.32 -9.28
N ALA B 92 8.83 -1.38 -8.45
CA ALA B 92 8.82 -2.23 -7.28
C ALA B 92 9.87 -1.75 -6.30
N VAL B 93 10.01 -2.49 -5.19
CA VAL B 93 11.02 -2.20 -4.16
C VAL B 93 12.03 -3.35 -4.20
N TYR B 94 13.31 -3.03 -4.36
CA TYR B 94 14.37 -4.05 -4.44
C TYR B 94 15.21 -4.17 -3.18
N TYR B 95 15.36 -5.40 -2.70
CA TYR B 95 16.15 -5.70 -1.51
C TYR B 95 17.37 -6.50 -1.95
N CYS B 96 18.31 -6.75 -1.04
CA CYS B 96 19.49 -7.55 -1.37
C CYS B 96 20.00 -8.41 -0.21
N ALA B 97 19.09 -9.14 0.41
CA ALA B 97 19.40 -10.02 1.53
C ALA B 97 20.77 -10.71 1.46
N ARG B 98 21.25 -11.10 2.63
CA ARG B 98 22.55 -11.75 2.80
C ARG B 98 22.41 -12.94 3.74
N GLY B 99 22.96 -14.10 3.35
CA GLY B 99 22.85 -15.26 4.20
C GLY B 99 23.49 -16.62 3.94
N PHE B 100 23.37 -17.43 4.99
CA PHE B 100 23.87 -18.80 5.08
C PHE B 100 22.87 -19.77 4.46
N LEU B 101 23.39 -20.86 3.92
CA LEU B 101 22.57 -21.91 3.30
C LEU B 101 21.62 -21.22 2.31
N PRO B 102 20.42 -21.77 2.09
CA PRO B 102 19.64 -21.00 1.12
C PRO B 102 18.75 -20.02 1.89
N TRP B 103 19.31 -19.36 2.91
CA TRP B 103 18.57 -18.40 3.76
C TRP B 103 18.83 -16.90 3.46
N PHE B 104 17.74 -16.12 3.52
CA PHE B 104 17.74 -14.67 3.29
C PHE B 104 17.64 -14.12 4.72
N ALA B 105 18.79 -13.97 5.37
CA ALA B 105 18.85 -13.50 6.77
C ALA B 105 18.97 -12.00 6.98
N ASP B 106 19.99 -11.43 6.36
CA ASP B 106 20.29 -10.01 6.46
C ASP B 106 19.73 -9.28 5.24
N TRP B 107 18.65 -8.54 5.44
CA TRP B 107 18.05 -7.82 4.33
C TRP B 107 18.42 -6.35 4.33
N GLY B 108 18.60 -5.80 3.12
CA GLY B 108 18.92 -4.41 2.98
C GLY B 108 17.63 -3.62 3.11
N GLN B 109 17.76 -2.32 3.29
CA GLN B 109 16.59 -1.47 3.43
C GLN B 109 15.71 -1.38 2.16
N GLY B 110 16.24 -1.79 1.01
CA GLY B 110 15.45 -1.75 -0.21
C GLY B 110 15.46 -0.42 -0.96
N THR B 111 15.57 -0.48 -2.30
CA THR B 111 15.57 0.72 -3.14
C THR B 111 14.32 0.72 -4.04
N LEU B 112 13.64 1.86 -4.14
CA LEU B 112 12.43 1.98 -4.95
C LEU B 112 12.72 2.52 -6.36
N VAL B 113 12.32 1.74 -7.34
CA VAL B 113 12.51 2.07 -8.74
C VAL B 113 11.15 2.40 -9.35
N THR B 114 10.98 3.63 -9.84
CA THR B 114 9.70 4.03 -10.42
C THR B 114 9.76 4.35 -11.90
N VAL B 115 9.24 3.45 -12.72
CA VAL B 115 9.21 3.65 -14.17
C VAL B 115 7.93 4.41 -14.56
N SER B 116 8.13 5.58 -15.17
CA SER B 116 7.01 6.42 -15.58
C SER B 116 7.44 7.48 -16.57
N SER B 117 6.61 7.68 -17.59
CA SER B 117 6.84 8.69 -18.63
C SER B 117 6.55 10.09 -18.07
N ALA B 118 5.67 10.14 -17.07
CA ALA B 118 5.21 11.36 -16.39
C ALA B 118 6.24 12.38 -15.90
N SER B 119 5.97 13.65 -16.19
CA SER B 119 6.83 14.76 -15.77
C SER B 119 6.36 15.26 -14.41
N THR B 120 7.25 15.98 -13.73
CA THR B 120 6.98 16.52 -12.40
C THR B 120 5.92 17.59 -12.40
N LYS B 121 4.80 17.30 -11.74
CA LYS B 121 3.69 18.24 -11.68
C LYS B 121 3.27 18.62 -10.27
N GLY B 122 2.82 19.85 -10.11
CA GLY B 122 2.35 20.31 -8.82
C GLY B 122 0.89 19.90 -8.68
N PRO B 123 0.39 19.62 -7.46
CA PRO B 123 -1.00 19.21 -7.34
C PRO B 123 -1.99 20.36 -7.46
N SER B 124 -3.22 20.00 -7.83
CA SER B 124 -4.35 20.92 -7.93
C SER B 124 -5.15 20.55 -6.69
N VAL B 125 -5.35 21.48 -5.76
CA VAL B 125 -6.10 21.20 -4.54
C VAL B 125 -7.54 21.75 -4.56
N PHE B 126 -8.51 20.85 -4.52
CA PHE B 126 -9.91 21.23 -4.58
C PHE B 126 -10.57 21.04 -3.27
N PRO B 127 -11.67 21.78 -3.05
CA PRO B 127 -12.38 21.64 -1.78
C PRO B 127 -13.42 20.50 -1.78
N LEU B 128 -13.47 19.83 -0.64
CA LEU B 128 -14.41 18.74 -0.34
C LEU B 128 -15.22 19.38 0.79
N ALA B 129 -15.77 20.54 0.45
CA ALA B 129 -16.58 21.38 1.33
C ALA B 129 -17.88 20.72 1.79
N PRO B 130 -18.19 20.86 3.08
CA PRO B 130 -19.38 20.31 3.74
C PRO B 130 -20.70 20.98 3.32
N SER B 131 -21.66 20.16 2.91
CA SER B 131 -22.98 20.63 2.48
C SER B 131 -23.88 21.07 3.63
N SER B 132 -24.46 22.25 3.44
CA SER B 132 -25.36 22.83 4.42
C SER B 132 -26.74 22.23 4.12
N LYS B 133 -26.89 21.73 2.88
CA LYS B 133 -28.12 21.08 2.40
C LYS B 133 -28.18 19.63 2.88
N SER B 134 -27.30 19.30 3.83
CA SER B 134 -27.21 17.96 4.41
C SER B 134 -27.96 17.85 5.74
N THR B 135 -27.86 16.67 6.35
CA THR B 135 -28.48 16.42 7.64
C THR B 135 -27.56 16.96 8.73
N SER B 136 -28.12 17.22 9.91
CA SER B 136 -27.30 17.69 11.03
C SER B 136 -26.35 16.51 11.30
N GLY B 137 -26.93 15.36 11.66
CA GLY B 137 -26.16 14.16 11.93
C GLY B 137 -25.35 14.23 13.21
N GLY B 138 -24.48 15.24 13.29
CA GLY B 138 -23.64 15.43 14.46
C GLY B 138 -22.31 16.04 14.07
N THR B 139 -21.58 15.30 13.24
CA THR B 139 -20.28 15.73 12.74
C THR B 139 -20.44 16.29 11.33
N ALA B 140 -19.37 16.33 10.56
CA ALA B 140 -19.42 16.83 9.20
C ALA B 140 -18.30 16.17 8.44
N ALA B 141 -17.79 16.80 7.40
CA ALA B 141 -16.70 16.21 6.64
C ALA B 141 -16.00 17.25 5.79
N LEU B 142 -14.79 17.58 6.20
CA LEU B 142 -13.97 18.53 5.50
C LEU B 142 -13.10 17.74 4.55
N GLY B 143 -12.32 18.42 3.70
CA GLY B 143 -11.49 17.68 2.78
C GLY B 143 -10.85 18.45 1.65
N CYS B 144 -9.75 17.90 1.16
CA CYS B 144 -9.03 18.53 0.06
C CYS B 144 -8.64 17.48 -0.94
N LEU B 145 -9.11 17.65 -2.17
CA LEU B 145 -8.78 16.74 -3.23
C LEU B 145 -7.50 17.24 -3.84
N VAL B 146 -6.41 16.50 -3.64
CA VAL B 146 -5.09 16.85 -4.16
C VAL B 146 -4.94 16.00 -5.41
N LYS B 147 -5.35 16.57 -6.54
CA LYS B 147 -5.35 15.88 -7.82
C LYS B 147 -4.26 16.27 -8.77
N ASP B 148 -3.92 15.33 -9.64
CA ASP B 148 -2.91 15.48 -10.71
C ASP B 148 -1.50 15.99 -10.38
N TYR B 149 -0.66 15.10 -9.87
CA TYR B 149 0.71 15.46 -9.54
C TYR B 149 1.60 14.28 -9.83
N PHE B 150 2.90 14.55 -9.82
CA PHE B 150 3.91 13.52 -10.03
C PHE B 150 5.25 14.17 -9.76
N PRO B 151 6.13 13.50 -9.00
CA PRO B 151 5.94 12.18 -8.41
C PRO B 151 5.56 12.25 -6.91
N GLU B 152 5.30 11.10 -6.31
CA GLU B 152 4.97 11.07 -4.89
C GLU B 152 6.16 11.64 -4.13
N PRO B 153 5.96 12.09 -2.87
CA PRO B 153 4.70 12.10 -2.13
C PRO B 153 4.25 13.53 -1.81
N VAL B 154 3.18 13.62 -1.03
CA VAL B 154 2.60 14.90 -0.61
C VAL B 154 2.38 14.88 0.90
N THR B 155 2.58 16.03 1.54
CA THR B 155 2.39 16.16 2.97
C THR B 155 1.15 17.03 3.26
N VAL B 156 0.05 16.36 3.58
CA VAL B 156 -1.21 17.04 3.87
C VAL B 156 -1.47 17.24 5.35
N SER B 157 -1.52 18.50 5.78
CA SER B 157 -1.80 18.86 7.18
C SER B 157 -3.17 19.54 7.20
N TRP B 158 -3.71 19.72 8.39
CA TRP B 158 -4.99 20.40 8.54
C TRP B 158 -4.84 21.46 9.60
N ASN B 159 -4.89 22.72 9.16
CA ASN B 159 -4.73 23.86 10.05
C ASN B 159 -3.34 23.80 10.65
N SER B 160 -2.34 23.73 9.76
CA SER B 160 -0.94 23.64 10.17
C SER B 160 -0.70 22.56 11.22
N GLY B 161 -1.38 21.43 11.05
CA GLY B 161 -1.22 20.33 11.97
C GLY B 161 -1.65 20.64 13.39
N ALA B 162 -2.68 21.45 13.52
CA ALA B 162 -3.23 21.80 14.82
C ALA B 162 -4.41 20.85 15.01
N LEU B 163 -5.08 20.57 13.90
CA LEU B 163 -6.21 19.65 13.80
C LEU B 163 -5.55 18.36 13.34
N THR B 164 -5.53 17.36 14.22
CA THR B 164 -4.90 16.09 13.88
C THR B 164 -5.75 14.86 14.15
N SER B 165 -6.88 15.08 14.82
CA SER B 165 -7.80 14.01 15.17
C SER B 165 -8.91 13.83 14.13
N GLY B 166 -9.20 12.57 13.78
CA GLY B 166 -10.23 12.27 12.81
C GLY B 166 -9.86 12.70 11.40
N VAL B 167 -8.57 12.66 11.10
CA VAL B 167 -8.05 13.06 9.80
C VAL B 167 -7.58 11.87 8.97
N HIS B 168 -8.35 11.51 7.94
CA HIS B 168 -7.99 10.38 7.10
C HIS B 168 -7.46 10.83 5.76
N THR B 169 -6.14 10.82 5.62
CA THR B 169 -5.45 11.18 4.39
C THR B 169 -5.30 9.81 3.69
N PHE B 170 -6.04 9.60 2.61
CA PHE B 170 -5.99 8.33 1.88
C PHE B 170 -4.75 8.12 1.03
N PRO B 171 -4.44 6.86 0.67
CA PRO B 171 -3.28 6.54 -0.16
C PRO B 171 -3.38 7.08 -1.59
N ALA B 172 -2.28 7.57 -2.13
CA ALA B 172 -2.30 8.10 -3.48
C ALA B 172 -2.67 7.01 -4.47
N VAL B 173 -3.61 7.34 -5.35
CA VAL B 173 -4.11 6.43 -6.39
C VAL B 173 -3.52 6.85 -7.72
N LEU B 174 -3.02 5.89 -8.48
CA LEU B 174 -2.45 6.21 -9.76
C LEU B 174 -3.54 6.15 -10.82
N GLN B 175 -3.86 7.33 -11.35
CA GLN B 175 -4.88 7.44 -12.36
C GLN B 175 -4.34 6.89 -13.66
N SER B 176 -5.24 6.70 -14.62
CA SER B 176 -4.88 6.17 -15.94
C SER B 176 -3.86 7.10 -16.63
N SER B 177 -4.07 8.40 -16.44
CA SER B 177 -3.21 9.43 -17.02
C SER B 177 -1.75 9.32 -16.56
N GLY B 178 -1.54 8.68 -15.41
CA GLY B 178 -0.19 8.51 -14.92
C GLY B 178 0.12 9.42 -13.76
N LEU B 179 -0.87 10.21 -13.34
CA LEU B 179 -0.72 11.15 -12.24
C LEU B 179 -1.45 10.63 -11.00
N TYR B 180 -0.92 10.96 -9.83
CA TYR B 180 -1.54 10.50 -8.60
C TYR B 180 -2.68 11.42 -8.19
N SER B 181 -3.35 11.03 -7.12
CA SER B 181 -4.46 11.76 -6.57
C SER B 181 -4.79 11.06 -5.25
N LEU B 182 -5.08 11.84 -4.21
CA LEU B 182 -5.41 11.33 -2.89
C LEU B 182 -6.25 12.34 -2.17
N SER B 183 -6.94 11.90 -1.13
CA SER B 183 -7.78 12.80 -0.36
C SER B 183 -7.39 12.85 1.11
N SER B 184 -7.63 14.00 1.72
CA SER B 184 -7.36 14.19 3.14
C SER B 184 -8.65 14.75 3.71
N VAL B 185 -9.42 13.90 4.38
CA VAL B 185 -10.67 14.33 4.97
C VAL B 185 -10.55 14.33 6.47
N VAL B 186 -11.43 15.07 7.12
CA VAL B 186 -11.47 15.16 8.58
C VAL B 186 -12.87 15.51 9.02
N THR B 187 -13.55 14.55 9.61
CA THR B 187 -14.92 14.75 10.09
C THR B 187 -14.87 15.57 11.37
N VAL B 188 -15.79 16.52 11.49
CA VAL B 188 -15.90 17.41 12.65
C VAL B 188 -17.35 17.70 12.99
N PRO B 189 -17.63 18.10 14.24
CA PRO B 189 -19.02 18.40 14.59
C PRO B 189 -19.59 19.50 13.68
N SER B 190 -20.69 19.18 12.98
CA SER B 190 -21.35 20.11 12.07
C SER B 190 -21.47 21.54 12.57
N SER B 191 -21.59 21.70 13.90
CA SER B 191 -21.70 23.01 14.55
C SER B 191 -20.36 23.75 14.55
N SER B 192 -19.29 22.99 14.74
CA SER B 192 -17.93 23.52 14.76
C SER B 192 -17.69 24.26 13.45
N LEU B 193 -18.39 23.82 12.40
CA LEU B 193 -18.30 24.46 11.08
C LEU B 193 -18.69 25.91 11.22
N GLY B 194 -18.07 26.77 10.41
CA GLY B 194 -18.36 28.19 10.48
C GLY B 194 -17.52 28.83 11.58
N THR B 195 -17.68 28.32 12.79
CA THR B 195 -16.96 28.82 13.96
C THR B 195 -15.44 28.56 13.93
N GLN B 196 -15.02 27.32 13.68
CA GLN B 196 -13.59 26.98 13.62
C GLN B 196 -13.16 26.91 12.15
N THR B 197 -12.10 27.61 11.79
CA THR B 197 -11.63 27.56 10.41
C THR B 197 -10.93 26.22 10.15
N TYR B 198 -11.04 25.72 8.92
CA TYR B 198 -10.43 24.45 8.50
C TYR B 198 -9.70 24.70 7.20
N ILE B 199 -8.38 24.62 7.25
CA ILE B 199 -7.55 24.84 6.08
C ILE B 199 -6.53 23.71 5.93
N CYS B 200 -6.57 22.98 4.82
CA CYS B 200 -5.60 21.92 4.61
C CYS B 200 -4.25 22.52 4.19
N ASN B 201 -3.19 21.75 4.33
CA ASN B 201 -1.86 22.25 4.01
C ASN B 201 -1.14 21.27 3.10
N VAL B 202 -1.33 21.44 1.81
CA VAL B 202 -0.73 20.59 0.80
C VAL B 202 0.71 21.02 0.55
N ASN B 203 1.56 20.01 0.42
CA ASN B 203 3.00 20.20 0.20
C ASN B 203 3.59 19.12 -0.72
N HIS B 204 4.06 19.56 -1.88
CA HIS B 204 4.65 18.65 -2.83
C HIS B 204 6.08 19.10 -3.01
N LYS B 205 6.97 18.39 -2.33
CA LYS B 205 8.41 18.68 -2.37
C LYS B 205 9.01 18.60 -3.76
N PRO B 206 8.73 17.52 -4.52
CA PRO B 206 9.28 17.38 -5.88
C PRO B 206 9.10 18.61 -6.79
N SER B 207 7.87 19.10 -6.90
CA SER B 207 7.60 20.27 -7.73
C SER B 207 7.61 21.54 -6.89
N ASN B 208 8.16 21.44 -5.68
CA ASN B 208 8.25 22.56 -4.75
C ASN B 208 6.93 23.33 -4.56
N THR B 209 5.81 22.65 -4.74
CA THR B 209 4.51 23.27 -4.56
C THR B 209 4.08 23.15 -3.09
N LYS B 210 3.46 24.20 -2.59
CA LYS B 210 2.96 24.27 -1.23
C LYS B 210 1.71 25.12 -1.32
N VAL B 211 0.55 24.54 -1.02
CA VAL B 211 -0.70 25.30 -1.10
C VAL B 211 -1.63 25.10 0.09
N ASP B 212 -2.16 26.20 0.59
CA ASP B 212 -3.07 26.18 1.72
C ASP B 212 -4.49 26.51 1.27
N LYS B 213 -5.29 25.47 1.08
CA LYS B 213 -6.67 25.63 0.65
C LYS B 213 -7.62 25.60 1.84
N LYS B 214 -8.31 26.72 2.06
CA LYS B 214 -9.28 26.85 3.15
C LYS B 214 -10.61 26.34 2.61
N VAL B 215 -11.24 25.41 3.33
CA VAL B 215 -12.51 24.85 2.88
C VAL B 215 -13.74 25.41 3.61
N GLU B 216 -14.61 26.04 2.82
CA GLU B 216 -15.84 26.65 3.32
C GLU B 216 -17.08 25.75 3.24
N PRO B 217 -17.86 25.70 4.33
CA PRO B 217 -19.08 24.90 4.43
C PRO B 217 -20.04 25.44 3.41
N LYS B 218 -20.41 24.60 2.46
CA LYS B 218 -21.29 25.06 1.42
C LYS B 218 -22.28 24.01 0.91
N SER B 219 -23.57 24.22 1.21
CA SER B 219 -24.68 23.36 0.77
C SER B 219 -24.50 23.30 -0.74
N CYS B 220 -24.41 24.49 -1.32
CA CYS B 220 -24.17 24.66 -2.74
C CYS B 220 -22.67 25.06 -2.80
#